data_8YU2
#
_entry.id   8YU2
#
_cell.length_a   52.690
_cell.length_b   53.410
_cell.length_c   102.630
_cell.angle_alpha   90.000
_cell.angle_beta   96.716
_cell.angle_gamma   90.000
#
_symmetry.space_group_name_H-M   'P 1 21 1'
#
loop_
_entity.id
_entity.type
_entity.pdbx_description
1 polymer 'Putative flavin-binding monooxygenase'
2 non-polymer 'FLAVIN-ADENINE DINUCLEOTIDE'
3 non-polymer NICOTINAMIDE-ADENINE-DINUCLEOTIDE
4 water water
#
_entity_poly.entity_id   1
_entity_poly.type   'polypeptide(L)'
_entity_poly.pdbx_seq_one_letter_code
;MHHHHHHTQKMDFDAIIIGAGFGGLYSLKKLRDDFNLKVRAFDRATEVGGTWFWNQYPGALSDSETHLYCYSWDKELLQE
MEIKRKYISQPDVLAYLKRVADKHDLRKDIQFETGIRSAYFDEENSFWNVTTENDEKFTARFLITALGPLAAPNLPKIKG
IETFKGELHHTSRWPKDVTFSGKRVGVIGTGSTGVQVITAIASQVKHLTVFQRSAQYSVPIGNVVMSETDVAKIKENYDQ
IWENVWNSALGYGLNESTLPTMSVSAEERDKIFEKAWQEGGGFRFMFETFGDIAVDETANIEAQNFIKKKISEIVKDPFV
AKKLTPTDLYACRPLCDSGYYEIFNRDNVSLEDVKANPIVEIKEDCVVTADGVEHKLDMLICATGFDAVDGSYKRIDIRG
KDGISIKDHWKDGPNSYLGMMVSNFPNMFMVFGPNGPLANSPPIIETQVRWIADLIGYAEDHQINQIEATKDAVDNWTNT
CSDIANKTLFAKAKCRIFGANVPGKKNTVYLYMGGLKEYRNQISEVSNNNYKGCLLKQSVKKTNLIES
;
_entity_poly.pdbx_strand_id   A
#
loop_
_chem_comp.id
_chem_comp.type
_chem_comp.name
_chem_comp.formula
FAD non-polymer 'FLAVIN-ADENINE DINUCLEOTIDE' 'C27 H33 N9 O15 P2'
NAD non-polymer NICOTINAMIDE-ADENINE-DINUCLEOTIDE 'C21 H27 N7 O14 P2'
#
# COMPACT_ATOMS: atom_id res chain seq x y z
N ASP A 12 4.71 14.39 -29.41
CA ASP A 12 4.81 12.93 -29.42
C ASP A 12 5.79 12.42 -28.38
N PHE A 13 5.48 11.27 -27.80
CA PHE A 13 6.37 10.59 -26.88
C PHE A 13 6.32 9.10 -27.15
N ASP A 14 7.35 8.39 -26.68
CA ASP A 14 7.28 6.93 -26.67
C ASP A 14 6.44 6.43 -25.50
N ALA A 15 6.47 7.15 -24.38
CA ALA A 15 5.73 6.75 -23.20
C ALA A 15 5.37 7.98 -22.38
N ILE A 16 4.16 8.00 -21.83
CA ILE A 16 3.72 9.04 -20.91
C ILE A 16 3.45 8.37 -19.57
N ILE A 17 4.17 8.80 -18.54
CA ILE A 17 4.04 8.22 -17.21
C ILE A 17 2.99 9.00 -16.43
N ILE A 18 2.04 8.28 -15.83
CA ILE A 18 1.07 8.89 -14.93
C ILE A 18 1.44 8.45 -13.52
N GLY A 19 1.99 9.39 -12.74
CA GLY A 19 2.44 9.09 -11.40
C GLY A 19 3.92 9.33 -11.21
N ALA A 20 4.30 9.98 -10.11
CA ALA A 20 5.70 10.27 -9.81
C ALA A 20 6.14 9.69 -8.47
N GLY A 21 5.47 8.64 -8.00
CA GLY A 21 5.86 7.97 -6.78
C GLY A 21 6.93 6.93 -7.02
N PHE A 22 6.87 5.84 -6.25
CA PHE A 22 7.86 4.78 -6.40
C PHE A 22 7.82 4.17 -7.79
N GLY A 23 6.63 3.82 -8.27
CA GLY A 23 6.52 3.19 -9.57
C GLY A 23 6.84 4.13 -10.72
N GLY A 24 6.28 5.33 -10.68
CA GLY A 24 6.48 6.26 -11.78
C GLY A 24 7.90 6.76 -11.91
N LEU A 25 8.63 6.84 -10.79
CA LEU A 25 10.01 7.30 -10.85
C LEU A 25 10.91 6.27 -11.50
N TYR A 26 10.76 4.99 -11.12
CA TYR A 26 11.57 3.95 -11.75
C TYR A 26 11.12 3.65 -13.16
N SER A 27 9.83 3.85 -13.45
CA SER A 27 9.37 3.73 -14.83
C SER A 27 10.01 4.79 -15.72
N LEU A 28 10.18 5.99 -15.20
CA LEU A 28 10.83 7.05 -15.96
C LEU A 28 12.32 6.76 -16.16
N LYS A 29 12.99 6.32 -15.10
CA LYS A 29 14.41 6.03 -15.20
C LYS A 29 14.67 4.93 -16.22
N LYS A 30 13.86 3.88 -16.21
CA LYS A 30 14.09 2.74 -17.08
C LYS A 30 13.89 3.11 -18.55
N LEU A 31 12.73 3.68 -18.87
CA LEU A 31 12.40 3.95 -20.27
C LEU A 31 13.29 5.02 -20.86
N ARG A 32 13.65 6.04 -20.07
CA ARG A 32 14.45 7.14 -20.58
C ARG A 32 15.94 6.79 -20.64
N ASP A 33 16.50 6.35 -19.51
CA ASP A 33 17.95 6.17 -19.42
C ASP A 33 18.42 4.81 -19.92
N ASP A 34 17.68 3.74 -19.62
CA ASP A 34 18.11 2.40 -20.01
C ASP A 34 17.57 1.97 -21.37
N PHE A 35 16.69 2.75 -21.98
CA PHE A 35 16.17 2.43 -23.31
C PHE A 35 16.14 3.62 -24.26
N ASN A 36 16.64 4.79 -23.83
CA ASN A 36 16.81 5.95 -24.71
C ASN A 36 15.50 6.41 -25.33
N LEU A 37 14.39 6.21 -24.62
CA LEU A 37 13.08 6.63 -25.11
C LEU A 37 12.78 8.05 -24.65
N LYS A 38 12.00 8.77 -25.47
CA LYS A 38 11.48 10.08 -25.06
C LYS A 38 10.26 9.86 -24.18
N VAL A 39 10.40 10.20 -22.90
CA VAL A 39 9.36 9.92 -21.91
C VAL A 39 9.02 11.21 -21.17
N ARG A 40 7.75 11.35 -20.81
CA ARG A 40 7.29 12.44 -19.97
C ARG A 40 6.41 11.88 -18.86
N ALA A 41 6.68 12.29 -17.63
CA ALA A 41 5.90 11.88 -16.48
C ALA A 41 5.05 13.05 -15.99
N PHE A 42 3.89 12.72 -15.44
CA PHE A 42 2.98 13.71 -14.90
C PHE A 42 2.57 13.32 -13.48
N ASP A 43 2.14 14.32 -12.71
CA ASP A 43 1.61 14.10 -11.38
C ASP A 43 0.88 15.35 -10.93
N ARG A 44 -0.25 15.15 -10.24
CA ARG A 44 -0.96 16.27 -9.66
C ARG A 44 -0.13 16.99 -8.60
N ALA A 45 0.82 16.29 -7.99
CA ALA A 45 1.64 16.85 -6.94
C ALA A 45 2.61 17.89 -7.51
N THR A 46 3.36 18.52 -6.59
CA THR A 46 4.41 19.46 -6.96
C THR A 46 5.80 18.90 -6.68
N GLU A 47 5.90 17.62 -6.33
CA GLU A 47 7.17 16.99 -6.01
C GLU A 47 6.96 15.47 -6.06
N VAL A 48 8.04 14.75 -6.32
CA VAL A 48 8.02 13.30 -6.37
C VAL A 48 7.70 12.74 -4.99
N GLY A 49 7.34 11.45 -4.93
CA GLY A 49 7.05 10.81 -3.67
C GLY A 49 5.77 10.00 -3.68
N GLY A 50 4.76 10.49 -4.40
CA GLY A 50 3.49 9.79 -4.43
C GLY A 50 2.79 9.89 -3.10
N THR A 51 2.36 8.74 -2.57
CA THR A 51 1.71 8.71 -1.25
C THR A 51 2.61 9.28 -0.17
N TRP A 52 3.92 9.23 -0.36
CA TRP A 52 4.87 9.77 0.62
C TRP A 52 5.00 11.28 0.54
N PHE A 53 4.49 11.90 -0.53
CA PHE A 53 4.34 13.35 -0.57
C PHE A 53 2.99 13.80 -0.04
N TRP A 54 1.95 12.99 -0.25
CA TRP A 54 0.59 13.39 0.12
C TRP A 54 0.32 13.13 1.61
N ASN A 55 0.75 11.99 2.12
CA ASN A 55 0.42 11.55 3.48
C ASN A 55 1.54 11.95 4.42
N GLN A 56 1.30 13.03 5.18
CA GLN A 56 2.27 13.51 6.17
C GLN A 56 1.61 13.65 7.54
N TYR A 57 0.71 12.72 7.87
CA TYR A 57 0.05 12.72 9.16
C TYR A 57 1.02 12.29 10.25
N PRO A 58 0.73 12.62 11.51
CA PRO A 58 1.63 12.23 12.60
C PRO A 58 1.75 10.71 12.71
N GLY A 59 2.99 10.23 12.71
CA GLY A 59 3.27 8.82 12.87
C GLY A 59 3.30 8.00 11.60
N ALA A 60 3.26 8.64 10.43
CA ALA A 60 3.35 7.92 9.17
C ALA A 60 4.65 7.13 9.10
N LEU A 61 4.53 5.82 8.94
CA LEU A 61 5.70 4.93 9.02
C LEU A 61 5.45 3.70 8.16
N SER A 62 6.53 3.15 7.62
CA SER A 62 6.44 2.05 6.68
C SER A 62 6.26 0.71 7.39
N ASP A 63 5.53 -0.19 6.74
CA ASP A 63 5.40 -1.56 7.24
C ASP A 63 6.70 -2.32 7.09
N SER A 64 7.48 -2.01 6.06
CA SER A 64 8.74 -2.69 5.79
C SER A 64 9.90 -1.96 6.45
N GLU A 65 10.97 -2.70 6.74
CA GLU A 65 12.14 -2.14 7.37
C GLU A 65 12.86 -1.20 6.41
N THR A 66 13.73 -0.35 6.98
CA THR A 66 14.36 0.72 6.20
C THR A 66 15.24 0.16 5.09
N HIS A 67 16.08 -0.82 5.41
CA HIS A 67 17.01 -1.36 4.42
C HIS A 67 16.30 -2.11 3.29
N LEU A 68 15.00 -2.34 3.40
CA LEU A 68 14.25 -3.03 2.36
C LEU A 68 13.22 -2.17 1.66
N TYR A 69 12.87 -1.01 2.22
CA TYR A 69 11.89 -0.11 1.61
C TYR A 69 12.63 0.97 0.81
N CYS A 70 13.24 0.52 -0.27
CA CYS A 70 14.05 1.39 -1.13
C CYS A 70 14.27 0.69 -2.46
N TYR A 71 15.08 1.30 -3.32
CA TYR A 71 15.43 0.72 -4.60
C TYR A 71 16.69 -0.14 -4.46
N SER A 72 16.73 -1.24 -5.19
CA SER A 72 17.89 -2.13 -5.18
C SER A 72 18.80 -1.95 -6.39
N TRP A 73 18.30 -1.34 -7.47
CA TRP A 73 19.07 -1.28 -8.71
C TRP A 73 20.25 -0.33 -8.62
N ASP A 74 20.15 0.72 -7.80
CA ASP A 74 21.25 1.66 -7.60
C ASP A 74 22.08 1.17 -6.42
N LYS A 75 23.18 0.48 -6.73
CA LYS A 75 24.03 -0.06 -5.67
C LYS A 75 24.78 1.04 -4.93
N GLU A 76 25.14 2.12 -5.63
CA GLU A 76 25.79 3.24 -4.95
C GLU A 76 24.87 3.92 -3.96
N LEU A 77 23.57 3.96 -4.26
CA LEU A 77 22.60 4.54 -3.33
C LEU A 77 22.46 3.71 -2.07
N LEU A 78 22.49 2.38 -2.21
CA LEU A 78 22.35 1.49 -1.06
C LEU A 78 23.51 1.67 -0.09
N GLN A 79 24.74 1.77 -0.60
CA GLN A 79 25.89 1.98 0.27
C GLN A 79 25.89 3.38 0.85
N GLU A 80 25.26 4.34 0.16
CA GLU A 80 25.17 5.72 0.60
C GLU A 80 23.95 5.98 1.48
N MET A 81 23.01 5.03 1.52
CA MET A 81 21.72 5.27 2.17
C MET A 81 21.86 5.48 3.67
N GLU A 82 21.09 6.43 4.19
CA GLU A 82 20.96 6.61 5.62
C GLU A 82 20.02 5.56 6.19
N ILE A 83 20.47 4.87 7.24
CA ILE A 83 19.60 3.94 7.97
C ILE A 83 19.60 4.38 9.43
N LYS A 84 18.73 5.33 9.76
CA LYS A 84 18.70 5.86 11.12
C LYS A 84 17.98 4.92 12.08
N ARG A 85 16.84 4.38 11.66
CA ARG A 85 16.05 3.51 12.51
C ARG A 85 15.61 2.28 11.71
N LYS A 86 15.06 1.30 12.43
CA LYS A 86 14.69 0.02 11.81
C LYS A 86 13.64 0.23 10.73
N TYR A 87 12.71 1.15 10.94
CA TYR A 87 11.71 1.52 9.95
C TYR A 87 11.83 3.00 9.65
N ILE A 88 11.49 3.36 8.41
CA ILE A 88 11.75 4.71 7.90
C ILE A 88 10.46 5.52 7.96
N SER A 89 10.59 6.74 8.47
CA SER A 89 9.43 7.62 8.61
C SER A 89 9.13 8.33 7.29
N GLN A 90 7.95 8.93 7.22
CA GLN A 90 7.53 9.61 5.99
C GLN A 90 8.49 10.70 5.55
N PRO A 91 8.99 11.60 6.41
CA PRO A 91 9.94 12.61 5.90
C PRO A 91 11.21 12.01 5.34
N ASP A 92 11.70 10.92 5.94
CA ASP A 92 12.92 10.29 5.43
C ASP A 92 12.67 9.57 4.11
N VAL A 93 11.46 9.06 3.89
CA VAL A 93 11.14 8.45 2.60
C VAL A 93 11.11 9.51 1.51
N LEU A 94 10.47 10.65 1.79
CA LEU A 94 10.43 11.73 0.82
C LEU A 94 11.83 12.24 0.49
N ALA A 95 12.70 12.31 1.50
CA ALA A 95 14.07 12.74 1.25
C ALA A 95 14.83 11.74 0.39
N TYR A 96 14.60 10.44 0.63
CA TYR A 96 15.26 9.41 -0.18
C TYR A 96 14.77 9.47 -1.63
N LEU A 97 13.46 9.60 -1.82
CA LEU A 97 12.92 9.71 -3.17
C LEU A 97 13.32 11.03 -3.83
N LYS A 98 13.49 12.09 -3.02
CA LYS A 98 14.03 13.33 -3.56
C LYS A 98 15.46 13.16 -4.02
N ARG A 99 16.27 12.41 -3.25
CA ARG A 99 17.64 12.14 -3.64
C ARG A 99 17.70 11.28 -4.90
N VAL A 100 16.76 10.34 -5.04
CA VAL A 100 16.69 9.53 -6.25
C VAL A 100 16.44 10.43 -7.47
N ALA A 101 15.55 11.41 -7.32
CA ALA A 101 15.28 12.33 -8.42
C ALA A 101 16.48 13.25 -8.68
N ASP A 102 17.18 13.65 -7.62
CA ASP A 102 18.35 14.51 -7.77
C ASP A 102 19.48 13.78 -8.47
N LYS A 103 19.90 12.64 -7.91
CA LYS A 103 21.10 11.94 -8.38
C LYS A 103 21.01 11.51 -9.83
N HIS A 104 19.81 11.32 -10.37
CA HIS A 104 19.65 10.83 -11.74
C HIS A 104 18.97 11.85 -12.64
N ASP A 105 18.70 13.06 -12.15
CA ASP A 105 18.11 14.15 -12.94
C ASP A 105 16.82 13.74 -13.65
N LEU A 106 15.86 13.28 -12.86
CA LEU A 106 14.53 12.94 -13.40
C LEU A 106 13.60 14.15 -13.50
N ARG A 107 13.72 15.11 -12.58
CA ARG A 107 12.70 16.15 -12.44
C ARG A 107 12.49 16.92 -13.73
N LYS A 108 13.49 17.00 -14.59
CA LYS A 108 13.33 17.71 -15.86
C LYS A 108 12.36 17.02 -16.80
N ASP A 109 11.97 15.77 -16.52
CA ASP A 109 11.04 15.04 -17.38
C ASP A 109 9.70 14.74 -16.70
N ILE A 110 9.44 15.30 -15.52
CA ILE A 110 8.10 15.27 -14.93
C ILE A 110 7.52 16.67 -14.94
N GLN A 111 6.24 16.77 -15.25
CA GLN A 111 5.47 18.01 -15.20
C GLN A 111 4.58 17.97 -13.98
N PHE A 112 4.93 18.73 -12.96
CA PHE A 112 4.17 18.74 -11.72
C PHE A 112 2.94 19.63 -11.84
N GLU A 113 2.05 19.52 -10.86
CA GLU A 113 0.80 20.28 -10.81
C GLU A 113 -0.06 20.03 -12.06
N THR A 114 0.05 18.84 -12.63
CA THR A 114 -0.63 18.51 -13.89
C THR A 114 -1.35 17.17 -13.73
N GLY A 115 -2.65 17.23 -13.48
CA GLY A 115 -3.45 16.01 -13.45
C GLY A 115 -3.70 15.48 -14.85
N ILE A 116 -4.34 14.31 -14.90
CA ILE A 116 -4.69 13.66 -16.15
C ILE A 116 -6.20 13.45 -16.16
N ARG A 117 -6.87 14.09 -17.12
CA ARG A 117 -8.32 13.97 -17.21
C ARG A 117 -8.73 12.73 -18.01
N SER A 118 -8.29 12.65 -19.26
CA SER A 118 -8.73 11.58 -20.16
C SER A 118 -7.53 10.94 -20.83
N ALA A 119 -7.66 9.65 -21.14
CA ALA A 119 -6.66 8.89 -21.88
C ALA A 119 -7.40 8.04 -22.90
N TYR A 120 -7.38 8.47 -24.16
CA TYR A 120 -8.11 7.81 -25.24
C TYR A 120 -7.13 7.14 -26.18
N PHE A 121 -7.36 5.86 -26.47
CA PHE A 121 -6.51 5.13 -27.39
C PHE A 121 -6.96 5.38 -28.83
N ASP A 122 -6.03 5.80 -29.67
CA ASP A 122 -6.28 5.95 -31.10
C ASP A 122 -6.05 4.61 -31.79
N GLU A 123 -7.05 4.13 -32.51
CA GLU A 123 -6.99 2.83 -33.16
C GLU A 123 -6.35 2.87 -34.54
N GLU A 124 -6.10 4.06 -35.09
CA GLU A 124 -5.46 4.17 -36.40
C GLU A 124 -3.94 4.18 -36.25
N ASN A 125 -3.40 5.29 -35.73
CA ASN A 125 -1.95 5.40 -35.53
C ASN A 125 -1.45 4.59 -34.35
N SER A 126 -2.35 4.00 -33.56
CA SER A 126 -2.01 3.12 -32.45
C SER A 126 -1.18 3.84 -31.38
N PHE A 127 -1.77 4.94 -30.86
CA PHE A 127 -1.20 5.60 -29.70
C PHE A 127 -2.33 6.16 -28.84
N TRP A 128 -1.96 6.70 -27.68
CA TRP A 128 -2.93 7.20 -26.72
C TRP A 128 -3.08 8.71 -26.82
N ASN A 129 -4.30 9.18 -26.52
CA ASN A 129 -4.61 10.60 -26.46
C ASN A 129 -4.81 10.97 -24.99
N VAL A 130 -3.80 11.55 -24.38
CA VAL A 130 -3.80 11.87 -22.95
C VAL A 130 -4.03 13.36 -22.81
N THR A 131 -5.21 13.73 -22.28
CA THR A 131 -5.57 15.12 -22.02
C THR A 131 -5.36 15.43 -20.55
N THR A 132 -4.59 16.47 -20.26
CA THR A 132 -4.42 16.92 -18.90
C THR A 132 -5.65 17.73 -18.46
N GLU A 133 -5.65 18.15 -17.20
CA GLU A 133 -6.72 19.00 -16.70
C GLU A 133 -6.56 20.46 -17.09
N ASN A 134 -5.39 20.84 -17.63
CA ASN A 134 -5.16 22.18 -18.15
C ASN A 134 -5.54 22.31 -19.62
N ASP A 135 -6.44 21.46 -20.12
CA ASP A 135 -6.90 21.45 -21.50
C ASP A 135 -5.79 21.21 -22.50
N GLU A 136 -4.70 20.58 -22.06
CA GLU A 136 -3.58 20.22 -22.91
C GLU A 136 -3.56 18.72 -23.12
N LYS A 137 -3.21 18.29 -24.32
CA LYS A 137 -3.12 16.86 -24.60
C LYS A 137 -1.78 16.54 -25.25
N PHE A 138 -1.32 15.32 -25.02
CA PHE A 138 -0.07 14.81 -25.58
C PHE A 138 -0.35 13.46 -26.21
N THR A 139 0.50 13.09 -27.16
CA THR A 139 0.38 11.81 -27.85
C THR A 139 1.57 10.92 -27.52
N ALA A 140 1.31 9.63 -27.33
CA ALA A 140 2.37 8.69 -27.01
C ALA A 140 1.91 7.28 -27.35
N ARG A 141 2.84 6.48 -27.90
CA ARG A 141 2.52 5.10 -28.23
C ARG A 141 2.13 4.31 -26.99
N PHE A 142 2.95 4.37 -25.95
CA PHE A 142 2.73 3.61 -24.74
C PHE A 142 2.34 4.54 -23.60
N LEU A 143 1.50 4.03 -22.69
CA LEU A 143 1.04 4.78 -21.53
C LEU A 143 1.19 3.89 -20.31
N ILE A 144 2.20 4.17 -19.49
CA ILE A 144 2.41 3.44 -18.25
C ILE A 144 1.71 4.17 -17.12
N THR A 145 1.01 3.41 -16.29
CA THR A 145 0.12 3.97 -15.25
C THR A 145 0.62 3.52 -13.89
N ALA A 146 1.15 4.47 -13.11
CA ALA A 146 1.68 4.21 -11.77
C ALA A 146 0.89 5.06 -10.78
N LEU A 147 -0.33 4.61 -10.46
CA LEU A 147 -1.21 5.33 -9.55
C LEU A 147 -1.19 4.80 -8.12
N GLY A 148 -0.51 3.69 -7.88
CA GLY A 148 -0.41 3.13 -6.56
C GLY A 148 -1.70 2.53 -6.07
N PRO A 149 -1.70 2.03 -4.84
CA PRO A 149 -2.88 1.33 -4.31
C PRO A 149 -3.90 2.27 -3.67
N LEU A 150 -3.43 3.35 -3.06
CA LEU A 150 -4.35 4.29 -2.40
C LEU A 150 -5.07 5.13 -3.44
N ALA A 151 -6.37 5.34 -3.21
CA ALA A 151 -7.19 6.11 -4.14
C ALA A 151 -7.76 7.36 -3.47
N ALA A 152 -9.05 7.62 -3.69
CA ALA A 152 -9.68 8.79 -3.09
C ALA A 152 -10.00 8.52 -1.62
N PRO A 153 -9.86 9.54 -0.76
CA PRO A 153 -10.09 9.33 0.68
C PRO A 153 -11.57 9.06 0.98
N ASN A 154 -11.85 7.89 1.52
CA ASN A 154 -13.21 7.54 1.92
C ASN A 154 -13.53 8.25 3.23
N LEU A 155 -14.17 9.39 3.14
CA LEU A 155 -14.60 10.11 4.33
C LEU A 155 -15.96 9.58 4.79
N PRO A 156 -16.23 9.63 6.10
CA PRO A 156 -17.51 9.07 6.59
C PRO A 156 -18.69 9.91 6.13
N LYS A 157 -19.85 9.26 6.11
CA LYS A 157 -21.12 9.91 5.76
C LYS A 157 -21.90 10.14 7.05
N ILE A 158 -21.59 11.26 7.69
CA ILE A 158 -22.13 11.60 9.01
C ILE A 158 -22.92 12.89 8.90
N LYS A 159 -24.16 12.87 9.38
CA LYS A 159 -24.96 14.08 9.48
C LYS A 159 -24.24 15.10 10.36
N GLY A 160 -24.11 16.32 9.86
CA GLY A 160 -23.49 17.39 10.61
C GLY A 160 -22.04 17.64 10.30
N ILE A 161 -21.49 16.97 9.29
CA ILE A 161 -20.07 17.11 8.98
C ILE A 161 -19.74 18.55 8.62
N GLU A 162 -20.66 19.24 7.95
CA GLU A 162 -20.39 20.60 7.51
C GLU A 162 -20.48 21.62 8.64
N THR A 163 -21.12 21.28 9.76
CA THR A 163 -21.37 22.25 10.81
C THR A 163 -20.26 22.32 11.84
N PHE A 164 -19.30 21.39 11.83
CA PHE A 164 -18.19 21.44 12.77
C PHE A 164 -17.36 22.70 12.56
N LYS A 165 -17.27 23.53 13.59
CA LYS A 165 -16.51 24.77 13.52
C LYS A 165 -15.05 24.61 13.91
N GLY A 166 -14.65 23.43 14.38
CA GLY A 166 -13.28 23.18 14.77
C GLY A 166 -12.45 22.63 13.62
N GLU A 167 -11.22 22.26 13.95
CA GLU A 167 -10.30 21.74 12.94
C GLU A 167 -10.77 20.37 12.44
N LEU A 168 -10.82 20.22 11.13
CA LEU A 168 -11.26 18.99 10.48
C LEU A 168 -10.19 18.55 9.51
N HIS A 169 -9.59 17.38 9.76
CA HIS A 169 -8.51 16.88 8.92
C HIS A 169 -8.72 15.41 8.62
N HIS A 170 -8.69 15.05 7.34
CA HIS A 170 -8.48 13.67 6.95
C HIS A 170 -6.98 13.43 6.83
N THR A 171 -6.55 12.21 7.16
CA THR A 171 -5.12 11.92 7.23
C THR A 171 -4.43 12.02 5.87
N SER A 172 -5.18 11.88 4.77
CA SER A 172 -4.56 11.99 3.46
C SER A 172 -4.23 13.44 3.11
N ARG A 173 -4.99 14.39 3.63
CA ARG A 173 -4.73 15.81 3.37
C ARG A 173 -4.29 16.49 4.65
N TRP A 174 -3.35 15.90 5.38
CA TRP A 174 -2.91 16.46 6.65
C TRP A 174 -2.21 17.79 6.42
N PRO A 175 -2.67 18.89 7.02
CA PRO A 175 -2.06 20.20 6.74
C PRO A 175 -0.82 20.43 7.60
N LYS A 176 -0.15 21.54 7.28
CA LYS A 176 1.05 21.95 7.98
C LYS A 176 0.70 22.67 9.28
N ASP A 177 1.64 22.65 10.22
CA ASP A 177 1.60 23.49 11.42
C ASP A 177 0.39 23.17 12.30
N VAL A 178 0.06 21.89 12.44
CA VAL A 178 -1.02 21.47 13.31
C VAL A 178 -0.47 21.29 14.72
N THR A 179 -1.01 22.05 15.67
CA THR A 179 -0.62 21.97 17.07
C THR A 179 -1.65 21.16 17.85
N PHE A 180 -1.18 20.47 18.89
CA PHE A 180 -2.00 19.51 19.61
C PHE A 180 -2.22 19.84 21.08
N SER A 181 -1.32 20.60 21.70
CA SER A 181 -1.39 20.79 23.14
C SER A 181 -2.64 21.57 23.54
N GLY A 182 -3.25 21.17 24.66
CA GLY A 182 -4.39 21.85 25.21
C GLY A 182 -5.70 21.66 24.46
N LYS A 183 -5.73 20.79 23.47
CA LYS A 183 -6.91 20.60 22.63
C LYS A 183 -7.57 19.26 22.93
N ARG A 184 -8.89 19.24 22.87
CA ARG A 184 -9.66 18.00 22.90
C ARG A 184 -9.75 17.48 21.46
N VAL A 185 -9.13 16.34 21.21
CA VAL A 185 -9.00 15.80 19.85
C VAL A 185 -9.73 14.47 19.77
N GLY A 186 -10.41 14.25 18.65
CA GLY A 186 -11.09 13.00 18.38
C GLY A 186 -10.58 12.37 17.10
N VAL A 187 -10.46 11.05 17.11
CA VAL A 187 -9.97 10.29 15.97
C VAL A 187 -11.01 9.25 15.60
N ILE A 188 -11.36 9.18 14.32
CA ILE A 188 -12.29 8.19 13.80
C ILE A 188 -11.50 7.25 12.89
N GLY A 189 -11.50 5.96 13.22
CA GLY A 189 -10.77 4.99 12.44
C GLY A 189 -9.62 4.36 13.19
N THR A 190 -9.60 3.03 13.26
CA THR A 190 -8.54 2.32 13.98
C THR A 190 -7.81 1.36 13.06
N GLY A 191 -7.42 1.82 11.88
CA GLY A 191 -6.57 1.07 10.99
C GLY A 191 -5.11 1.40 11.21
N SER A 192 -4.28 1.01 10.24
CA SER A 192 -2.85 1.31 10.34
C SER A 192 -2.61 2.81 10.41
N THR A 193 -3.41 3.60 9.68
CA THR A 193 -3.28 5.05 9.74
C THR A 193 -3.80 5.58 11.07
N GLY A 194 -4.98 5.11 11.50
CA GLY A 194 -5.52 5.56 12.77
C GLY A 194 -4.66 5.16 13.94
N VAL A 195 -4.10 3.95 13.91
CA VAL A 195 -3.22 3.51 14.99
C VAL A 195 -2.00 4.41 15.08
N GLN A 196 -1.39 4.73 13.94
CA GLN A 196 -0.17 5.53 13.95
C GLN A 196 -0.43 6.94 14.45
N VAL A 197 -1.58 7.51 14.10
CA VAL A 197 -1.91 8.86 14.56
C VAL A 197 -2.20 8.86 16.06
N ILE A 198 -2.90 7.84 16.53
CA ILE A 198 -3.35 7.83 17.93
C ILE A 198 -2.16 7.72 18.87
N THR A 199 -1.23 6.80 18.59
CA THR A 199 -0.05 6.68 19.43
C THR A 199 0.82 7.92 19.37
N ALA A 200 0.78 8.65 18.26
CA ALA A 200 1.64 9.80 18.09
C ALA A 200 1.14 11.03 18.84
N ILE A 201 -0.18 11.18 18.98
CA ILE A 201 -0.75 12.42 19.49
C ILE A 201 -1.34 12.29 20.89
N ALA A 202 -1.59 11.06 21.38
CA ALA A 202 -2.26 10.92 22.67
C ALA A 202 -1.45 11.53 23.81
N SER A 203 -0.11 11.50 23.71
CA SER A 203 0.72 12.14 24.70
C SER A 203 0.74 13.66 24.56
N GLN A 204 0.26 14.18 23.43
CA GLN A 204 0.34 15.61 23.14
C GLN A 204 -0.96 16.36 23.38
N VAL A 205 -2.09 15.66 23.41
CA VAL A 205 -3.39 16.31 23.48
C VAL A 205 -3.87 16.37 24.92
N LYS A 206 -4.83 17.27 25.18
CA LYS A 206 -5.44 17.35 26.50
C LYS A 206 -6.34 16.15 26.75
N HIS A 207 -7.16 15.78 25.76
CA HIS A 207 -7.96 14.57 25.84
C HIS A 207 -8.14 14.00 24.45
N LEU A 208 -8.02 12.68 24.34
CA LEU A 208 -8.18 11.97 23.08
C LEU A 208 -9.39 11.06 23.15
N THR A 209 -10.19 11.05 22.09
CA THR A 209 -11.36 10.19 21.98
C THR A 209 -11.22 9.35 20.71
N VAL A 210 -11.24 8.03 20.88
CA VAL A 210 -11.09 7.09 19.77
C VAL A 210 -12.46 6.51 19.44
N PHE A 211 -12.94 6.77 18.24
CA PHE A 211 -14.22 6.23 17.76
C PHE A 211 -13.90 4.98 16.94
N GLN A 212 -14.00 3.82 17.59
CA GLN A 212 -13.59 2.55 17.01
C GLN A 212 -14.82 1.82 16.47
N ARG A 213 -14.89 1.69 15.14
CA ARG A 213 -15.98 0.93 14.53
C ARG A 213 -15.72 -0.57 14.61
N SER A 214 -14.47 -0.99 14.37
CA SER A 214 -14.11 -2.40 14.43
C SER A 214 -12.69 -2.50 14.97
N ALA A 215 -12.53 -3.21 16.09
CA ALA A 215 -11.21 -3.44 16.65
C ALA A 215 -10.44 -4.44 15.79
N GLN A 216 -9.11 -4.30 15.80
CA GLN A 216 -8.25 -5.16 15.00
C GLN A 216 -7.05 -5.58 15.82
N TYR A 217 -6.39 -6.64 15.36
CA TYR A 217 -5.17 -7.10 15.99
C TYR A 217 -3.99 -6.24 15.56
N SER A 218 -3.14 -5.89 16.53
CA SER A 218 -1.97 -5.08 16.26
C SER A 218 -0.79 -5.62 17.06
N VAL A 219 0.37 -5.74 16.41
CA VAL A 219 1.57 -6.27 17.05
C VAL A 219 2.59 -5.14 17.16
N PRO A 220 3.57 -5.24 18.06
CA PRO A 220 4.61 -4.20 18.12
C PRO A 220 5.43 -4.16 16.84
N ILE A 221 6.01 -3.00 16.56
CA ILE A 221 6.78 -2.81 15.34
C ILE A 221 8.27 -2.84 15.67
N GLY A 222 8.62 -2.46 16.90
CA GLY A 222 10.01 -2.41 17.31
C GLY A 222 10.88 -1.52 16.44
N ASN A 223 10.51 -0.24 16.35
CA ASN A 223 11.27 0.72 15.52
C ASN A 223 12.39 1.31 16.38
N VAL A 224 13.44 0.53 16.55
CA VAL A 224 14.58 0.95 17.34
C VAL A 224 15.56 1.72 16.46
N VAL A 225 16.43 2.50 17.10
CA VAL A 225 17.49 3.18 16.38
C VAL A 225 18.50 2.14 15.87
N MET A 226 19.15 2.47 14.77
CA MET A 226 20.13 1.57 14.16
C MET A 226 21.53 2.07 14.46
N SER A 227 22.36 1.18 15.00
CA SER A 227 23.73 1.54 15.32
C SER A 227 24.61 1.50 14.08
N GLU A 228 25.75 2.19 14.17
CA GLU A 228 26.74 2.18 13.10
C GLU A 228 27.13 0.75 12.74
N THR A 229 27.21 -0.14 13.74
CA THR A 229 27.51 -1.53 13.45
C THR A 229 26.34 -2.21 12.76
N ASP A 230 25.11 -1.91 13.18
CA ASP A 230 23.93 -2.47 12.52
C ASP A 230 23.89 -2.09 11.04
N VAL A 231 24.08 -0.80 10.75
CA VAL A 231 24.08 -0.35 9.37
C VAL A 231 25.25 -0.94 8.60
N ALA A 232 26.41 -1.08 9.26
CA ALA A 232 27.56 -1.68 8.60
C ALA A 232 27.36 -3.18 8.38
N LYS A 233 26.64 -3.86 9.28
CA LYS A 233 26.35 -5.28 9.05
C LYS A 233 25.45 -5.48 7.85
N ILE A 234 24.54 -4.54 7.59
CA ILE A 234 23.62 -4.67 6.46
C ILE A 234 24.32 -4.35 5.15
N LYS A 235 25.04 -3.23 5.10
CA LYS A 235 25.66 -2.79 3.84
C LYS A 235 26.80 -3.71 3.42
N GLU A 236 27.50 -4.31 4.37
CA GLU A 236 28.51 -5.31 4.06
C GLU A 236 27.92 -6.58 3.48
N ASN A 237 26.60 -6.67 3.40
CA ASN A 237 25.93 -7.92 3.03
C ASN A 237 24.65 -7.60 2.26
N TYR A 238 24.72 -6.61 1.36
CA TYR A 238 23.52 -6.08 0.71
C TYR A 238 23.11 -6.87 -0.53
N ASP A 239 24.08 -7.23 -1.38
CA ASP A 239 23.82 -8.15 -2.47
C ASP A 239 23.16 -9.42 -1.92
N GLN A 240 23.52 -9.77 -0.69
CA GLN A 240 22.94 -10.93 -0.02
C GLN A 240 21.46 -10.73 0.30
N ILE A 241 21.12 -9.61 0.95
CA ILE A 241 19.75 -9.41 1.42
C ILE A 241 18.77 -9.38 0.25
N TRP A 242 19.19 -8.85 -0.90
CA TRP A 242 18.28 -8.71 -2.02
C TRP A 242 18.02 -10.05 -2.70
N GLU A 243 19.02 -10.92 -2.77
CA GLU A 243 18.81 -12.24 -3.36
C GLU A 243 17.75 -13.02 -2.58
N ASN A 244 17.73 -12.86 -1.25
CA ASN A 244 16.69 -13.47 -0.44
C ASN A 244 15.33 -12.87 -0.72
N VAL A 245 15.28 -11.59 -1.11
CA VAL A 245 14.01 -10.93 -1.39
C VAL A 245 13.36 -11.54 -2.62
N TRP A 246 14.12 -11.72 -3.70
CA TRP A 246 13.59 -12.33 -4.91
C TRP A 246 13.27 -13.81 -4.73
N ASN A 247 13.84 -14.45 -3.71
CA ASN A 247 13.56 -15.85 -3.43
C ASN A 247 12.46 -16.04 -2.39
N SER A 248 12.08 -14.98 -1.69
CA SER A 248 11.01 -15.07 -0.70
C SER A 248 9.66 -14.79 -1.34
N ALA A 249 8.60 -15.10 -0.60
CA ALA A 249 7.23 -14.85 -1.04
C ALA A 249 6.77 -13.44 -0.73
N LEU A 250 7.23 -12.87 0.39
CA LEU A 250 6.76 -11.56 0.83
C LEU A 250 7.76 -10.44 0.58
N GLY A 251 9.04 -10.77 0.36
CA GLY A 251 10.03 -9.74 0.13
C GLY A 251 10.31 -8.85 1.31
N TYR A 252 9.97 -9.30 2.52
CA TYR A 252 10.21 -8.52 3.73
C TYR A 252 11.46 -8.97 4.47
N GLY A 253 12.29 -9.81 3.86
CA GLY A 253 13.47 -10.31 4.52
C GLY A 253 13.20 -11.25 5.66
N LEU A 254 12.03 -11.88 5.67
CA LEU A 254 11.61 -12.75 6.77
C LEU A 254 12.07 -14.18 6.53
N ASN A 255 12.27 -14.90 7.65
CA ASN A 255 12.53 -16.34 7.61
C ASN A 255 11.19 -17.03 7.45
N GLU A 256 10.67 -17.00 6.22
CA GLU A 256 9.34 -17.54 5.93
C GLU A 256 9.24 -18.99 6.39
N SER A 257 8.49 -19.22 7.46
CA SER A 257 8.46 -20.51 8.11
C SER A 257 7.53 -21.49 7.38
N THR A 258 7.85 -22.77 7.52
CA THR A 258 6.99 -23.85 7.06
C THR A 258 6.55 -24.76 8.20
N LEU A 259 7.00 -24.49 9.42
CA LEU A 259 6.61 -25.30 10.57
C LEU A 259 5.13 -25.07 10.88
N PRO A 260 4.34 -26.13 11.04
CA PRO A 260 2.92 -25.94 11.36
C PRO A 260 2.71 -25.52 12.81
N THR A 261 1.62 -24.80 13.03
CA THR A 261 1.36 -24.22 14.34
C THR A 261 1.06 -25.29 15.38
N MET A 262 0.11 -26.19 15.09
CA MET A 262 -0.35 -27.15 16.09
C MET A 262 0.55 -28.38 16.22
N SER A 263 1.63 -28.46 15.45
CA SER A 263 2.54 -29.60 15.51
C SER A 263 3.63 -29.40 16.56
N VAL A 264 3.30 -28.84 17.72
CA VAL A 264 4.28 -28.55 18.75
C VAL A 264 3.58 -28.33 20.08
N SER A 265 4.35 -28.33 21.16
CA SER A 265 3.80 -28.11 22.50
C SER A 265 3.34 -26.67 22.66
N ALA A 266 2.42 -26.47 23.60
CA ALA A 266 1.92 -25.13 23.88
C ALA A 266 3.00 -24.25 24.49
N GLU A 267 3.95 -24.84 25.23
CA GLU A 267 5.02 -24.06 25.82
C GLU A 267 5.94 -23.48 24.76
N GLU A 268 6.22 -24.25 23.71
CA GLU A 268 7.06 -23.75 22.63
C GLU A 268 6.30 -22.84 21.68
N ARG A 269 5.01 -23.11 21.46
CA ARG A 269 4.19 -22.23 20.64
C ARG A 269 4.15 -20.82 21.23
N ASP A 270 4.07 -20.71 22.55
CA ASP A 270 4.14 -19.41 23.20
C ASP A 270 5.52 -18.79 23.03
N LYS A 271 6.57 -19.61 23.00
CA LYS A 271 7.92 -19.09 22.82
C LYS A 271 8.12 -18.54 21.41
N ILE A 272 7.57 -19.22 20.40
CA ILE A 272 7.73 -18.76 19.02
C ILE A 272 6.97 -17.46 18.80
N PHE A 273 5.78 -17.34 19.38
CA PHE A 273 5.03 -16.09 19.25
C PHE A 273 5.72 -14.95 19.99
N GLU A 274 6.22 -15.22 21.20
CA GLU A 274 6.84 -14.16 22.00
C GLU A 274 8.12 -13.66 21.36
N LYS A 275 8.87 -14.53 20.69
CA LYS A 275 10.09 -14.08 20.02
C LYS A 275 9.76 -13.13 18.86
N ALA A 276 8.75 -13.48 18.05
CA ALA A 276 8.31 -12.55 17.01
C ALA A 276 7.65 -11.32 17.60
N TRP A 277 6.97 -11.47 18.75
CA TRP A 277 6.40 -10.32 19.43
C TRP A 277 7.47 -9.34 19.85
N GLN A 278 8.64 -9.85 20.28
CA GLN A 278 9.70 -8.98 20.75
C GLN A 278 10.49 -8.37 19.60
N GLU A 279 10.58 -9.06 18.46
CA GLU A 279 11.30 -8.51 17.32
C GLU A 279 10.44 -7.51 16.56
N GLY A 280 9.14 -7.76 16.45
CA GLY A 280 8.23 -6.81 15.85
C GLY A 280 7.92 -7.13 14.40
N GLY A 281 6.85 -6.53 13.89
CA GLY A 281 6.44 -6.71 12.52
C GLY A 281 5.17 -7.51 12.37
N GLY A 282 4.22 -6.99 11.58
CA GLY A 282 2.98 -7.72 11.37
C GLY A 282 3.18 -8.98 10.56
N PHE A 283 3.99 -8.91 9.50
CA PHE A 283 4.23 -10.08 8.66
C PHE A 283 5.10 -11.11 9.36
N ARG A 284 5.91 -10.70 10.33
CA ARG A 284 6.75 -11.64 11.05
C ARG A 284 5.90 -12.54 11.96
N PHE A 285 5.02 -11.93 12.76
CA PHE A 285 4.16 -12.69 13.66
C PHE A 285 3.28 -13.68 12.91
N MET A 286 3.00 -13.42 11.63
CA MET A 286 2.10 -14.26 10.83
C MET A 286 2.81 -15.26 9.96
N PHE A 287 4.05 -14.99 9.53
CA PHE A 287 4.73 -15.83 8.55
C PHE A 287 6.15 -16.24 8.92
N GLU A 288 6.80 -15.55 9.86
CA GLU A 288 8.08 -16.04 10.38
C GLU A 288 7.91 -17.01 11.53
N THR A 289 6.79 -16.92 12.24
CA THR A 289 6.48 -17.86 13.32
C THR A 289 6.22 -19.25 12.75
N PHE A 290 5.01 -19.46 12.24
CA PHE A 290 4.59 -20.72 11.66
C PHE A 290 4.13 -20.49 10.22
N GLY A 291 3.89 -21.59 9.51
CA GLY A 291 3.56 -21.50 8.11
C GLY A 291 2.14 -21.90 7.76
N ASP A 292 1.25 -21.94 8.75
CA ASP A 292 -0.13 -22.33 8.52
C ASP A 292 -1.14 -21.36 9.12
N ILE A 293 -0.70 -20.19 9.59
CA ILE A 293 -1.61 -19.23 10.21
C ILE A 293 -2.64 -18.75 9.21
N ALA A 294 -2.26 -18.60 7.95
CA ALA A 294 -3.15 -18.07 6.92
C ALA A 294 -3.93 -19.14 6.18
N VAL A 295 -3.86 -20.41 6.61
CA VAL A 295 -4.59 -21.47 5.90
C VAL A 295 -5.38 -22.33 6.87
N ASP A 296 -4.84 -22.58 8.06
CA ASP A 296 -5.46 -23.48 9.03
C ASP A 296 -6.30 -22.69 10.02
N GLU A 297 -7.52 -23.16 10.27
CA GLU A 297 -8.41 -22.49 11.22
C GLU A 297 -7.87 -22.59 12.64
N THR A 298 -7.34 -23.75 13.02
CA THR A 298 -6.78 -23.91 14.35
C THR A 298 -5.54 -23.03 14.54
N ALA A 299 -4.72 -22.91 13.48
CA ALA A 299 -3.51 -22.11 13.58
C ALA A 299 -3.84 -20.63 13.77
N ASN A 300 -4.84 -20.13 13.05
CA ASN A 300 -5.19 -18.71 13.16
C ASN A 300 -5.82 -18.39 14.52
N ILE A 301 -6.57 -19.34 15.10
CA ILE A 301 -7.11 -19.13 16.44
C ILE A 301 -5.98 -18.99 17.44
N GLU A 302 -4.95 -19.83 17.33
CA GLU A 302 -3.86 -19.79 18.29
C GLU A 302 -3.13 -18.45 18.24
N ALA A 303 -2.95 -17.89 17.04
CA ALA A 303 -2.28 -16.60 16.92
C ALA A 303 -3.15 -15.47 17.49
N GLN A 304 -4.48 -15.58 17.31
CA GLN A 304 -5.38 -14.57 17.85
C GLN A 304 -5.33 -14.55 19.38
N ASN A 305 -5.32 -15.74 20.00
CA ASN A 305 -5.37 -15.81 21.45
C ASN A 305 -4.08 -15.28 22.08
N PHE A 306 -2.96 -15.36 21.37
CA PHE A 306 -1.73 -14.77 21.90
C PHE A 306 -1.82 -13.25 21.94
N ILE A 307 -2.36 -12.64 20.88
CA ILE A 307 -2.57 -11.19 20.89
C ILE A 307 -3.67 -10.83 21.89
N LYS A 308 -4.73 -11.63 21.96
CA LYS A 308 -5.77 -11.42 22.96
C LYS A 308 -5.19 -11.46 24.36
N LYS A 309 -4.37 -12.47 24.66
CA LYS A 309 -3.71 -12.54 25.95
C LYS A 309 -2.82 -11.33 26.18
N LYS A 310 -2.10 -10.91 25.14
CA LYS A 310 -1.25 -9.72 25.25
C LYS A 310 -2.07 -8.48 25.55
N ILE A 311 -3.20 -8.32 24.85
CA ILE A 311 -4.07 -7.17 25.08
C ILE A 311 -4.50 -7.12 26.55
N SER A 312 -4.80 -8.29 27.14
CA SER A 312 -5.22 -8.33 28.53
C SER A 312 -4.11 -7.90 29.48
N GLU A 313 -2.85 -8.19 29.15
CA GLU A 313 -1.75 -7.86 30.04
C GLU A 313 -1.44 -6.37 30.02
N ILE A 314 -1.58 -5.73 28.86
CA ILE A 314 -1.21 -4.32 28.74
C ILE A 314 -2.34 -3.41 29.20
N VAL A 315 -3.53 -3.59 28.65
CA VAL A 315 -4.69 -2.78 29.03
C VAL A 315 -5.15 -3.22 30.42
N LYS A 316 -4.93 -2.36 31.42
CA LYS A 316 -5.19 -2.76 32.80
C LYS A 316 -6.69 -2.81 33.11
N ASP A 317 -7.49 -1.96 32.47
CA ASP A 317 -8.93 -2.00 32.65
C ASP A 317 -9.49 -3.11 31.77
N PRO A 318 -10.05 -4.17 32.37
CA PRO A 318 -10.60 -5.27 31.56
C PRO A 318 -11.76 -4.86 30.68
N PHE A 319 -12.49 -3.80 31.04
CA PHE A 319 -13.60 -3.36 30.20
C PHE A 319 -13.10 -2.66 28.95
N VAL A 320 -12.02 -1.89 29.06
CA VAL A 320 -11.42 -1.30 27.87
C VAL A 320 -10.63 -2.36 27.10
N ALA A 321 -10.05 -3.32 27.80
CA ALA A 321 -9.37 -4.42 27.12
C ALA A 321 -10.36 -5.28 26.33
N LYS A 322 -11.55 -5.49 26.87
CA LYS A 322 -12.59 -6.20 26.14
C LYS A 322 -13.03 -5.43 24.91
N LYS A 323 -13.06 -4.10 25.00
CA LYS A 323 -13.46 -3.28 23.86
C LYS A 323 -12.41 -3.31 22.76
N LEU A 324 -11.13 -3.42 23.11
CA LEU A 324 -10.05 -3.45 22.13
C LEU A 324 -9.87 -4.81 21.49
N THR A 325 -10.52 -5.85 22.01
CA THR A 325 -10.31 -7.20 21.50
C THR A 325 -11.17 -7.42 20.25
N PRO A 326 -10.59 -7.88 19.15
CA PRO A 326 -11.39 -8.14 17.95
C PRO A 326 -12.38 -9.28 18.18
N THR A 327 -13.48 -9.24 17.42
CA THR A 327 -14.54 -10.21 17.55
C THR A 327 -14.64 -11.16 16.36
N ASP A 328 -13.76 -11.03 15.38
CA ASP A 328 -13.81 -11.91 14.22
C ASP A 328 -13.39 -13.33 14.60
N LEU A 329 -13.98 -14.31 13.90
CA LEU A 329 -13.57 -15.70 14.07
C LEU A 329 -12.26 -15.99 13.36
N TYR A 330 -12.02 -15.33 12.22
CA TYR A 330 -10.79 -15.47 11.46
C TYR A 330 -10.15 -14.10 11.28
N ALA A 331 -8.82 -14.06 11.31
CA ALA A 331 -8.07 -12.81 11.27
C ALA A 331 -7.02 -12.87 10.17
N CYS A 332 -6.99 -11.82 9.33
CA CYS A 332 -5.97 -11.70 8.30
C CYS A 332 -4.70 -11.10 8.88
N ARG A 333 -4.06 -10.21 8.12
CA ARG A 333 -2.82 -9.59 8.57
C ARG A 333 -3.11 -8.57 9.66
N PRO A 334 -2.38 -8.59 10.77
CA PRO A 334 -2.57 -7.57 11.81
C PRO A 334 -1.80 -6.30 11.47
N LEU A 335 -2.01 -5.29 12.31
CA LEU A 335 -1.32 -4.02 12.16
C LEU A 335 -0.05 -3.99 13.01
N CYS A 336 0.78 -2.99 12.76
CA CYS A 336 1.97 -2.73 13.55
C CYS A 336 1.85 -1.40 14.26
N ASP A 337 2.37 -1.32 15.48
CA ASP A 337 2.19 -0.13 16.30
C ASP A 337 3.42 0.08 17.18
N SER A 338 3.53 1.31 17.68
CA SER A 338 4.62 1.67 18.58
C SER A 338 4.07 2.08 19.94
N GLY A 339 3.27 1.20 20.55
CA GLY A 339 2.68 1.48 21.84
C GLY A 339 1.23 1.91 21.75
N TYR A 340 0.43 1.16 20.99
CA TYR A 340 -0.96 1.53 20.76
C TYR A 340 -1.86 1.10 21.91
N TYR A 341 -1.80 -0.17 22.29
CA TYR A 341 -2.58 -0.65 23.42
C TYR A 341 -2.13 -0.02 24.73
N GLU A 342 -0.88 0.43 24.81
CA GLU A 342 -0.41 1.15 25.98
C GLU A 342 -1.06 2.51 26.13
N ILE A 343 -1.58 3.07 25.03
CA ILE A 343 -2.13 4.42 25.06
C ILE A 343 -3.41 4.48 25.88
N PHE A 344 -4.21 3.42 25.86
CA PHE A 344 -5.52 3.44 26.50
C PHE A 344 -5.46 3.27 28.01
N ASN A 345 -4.27 3.19 28.60
CA ASN A 345 -4.11 3.18 30.05
C ASN A 345 -4.03 4.58 30.64
N ARG A 346 -4.08 5.62 29.80
CA ARG A 346 -3.84 6.98 30.24
C ARG A 346 -5.13 7.62 30.77
N ASP A 347 -4.96 8.65 31.59
CA ASP A 347 -6.10 9.37 32.14
C ASP A 347 -6.85 10.18 31.09
N ASN A 348 -6.19 10.55 29.99
CA ASN A 348 -6.73 11.48 29.01
C ASN A 348 -7.15 10.78 27.71
N VAL A 349 -7.36 9.47 27.75
CA VAL A 349 -7.74 8.70 26.57
C VAL A 349 -9.05 7.98 26.87
N SER A 350 -10.01 8.11 25.96
CA SER A 350 -11.32 7.47 26.09
C SER A 350 -11.60 6.66 24.84
N LEU A 351 -11.96 5.40 25.01
CA LEU A 351 -12.32 4.52 23.90
C LEU A 351 -13.84 4.47 23.78
N GLU A 352 -14.34 4.65 22.56
CA GLU A 352 -15.77 4.67 22.29
C GLU A 352 -16.09 3.61 21.24
N ASP A 353 -16.68 2.51 21.67
CA ASP A 353 -17.14 1.47 20.75
C ASP A 353 -18.25 2.03 19.89
N VAL A 354 -17.91 2.45 18.67
CA VAL A 354 -18.86 3.11 17.79
C VAL A 354 -19.70 2.13 16.98
N LYS A 355 -19.35 0.85 16.97
CA LYS A 355 -20.25 -0.14 16.37
C LYS A 355 -21.49 -0.33 17.24
N ALA A 356 -21.32 -0.33 18.56
CA ALA A 356 -22.44 -0.45 19.49
C ALA A 356 -23.05 0.90 19.85
N ASN A 357 -22.27 1.98 19.75
CA ASN A 357 -22.73 3.33 20.06
C ASN A 357 -22.40 4.23 18.88
N PRO A 358 -23.15 4.11 17.78
CA PRO A 358 -22.75 4.78 16.54
C PRO A 358 -22.90 6.28 16.60
N ILE A 359 -22.12 6.95 15.75
CA ILE A 359 -22.22 8.40 15.57
C ILE A 359 -23.43 8.68 14.68
N VAL A 360 -24.37 9.48 15.19
CA VAL A 360 -25.57 9.82 14.45
C VAL A 360 -25.56 11.26 13.96
N GLU A 361 -24.77 12.14 14.56
CA GLU A 361 -24.72 13.56 14.22
C GLU A 361 -23.52 14.16 14.93
N ILE A 362 -22.90 15.14 14.28
CA ILE A 362 -21.84 15.93 14.91
C ILE A 362 -22.26 17.39 14.84
N LYS A 363 -22.39 18.03 16.00
CA LYS A 363 -22.85 19.41 16.06
C LYS A 363 -21.66 20.34 15.81
N GLU A 364 -21.87 21.64 16.03
CA GLU A 364 -20.85 22.62 15.67
C GLU A 364 -19.58 22.48 16.50
N ASP A 365 -19.66 21.87 17.68
CA ASP A 365 -18.49 21.79 18.56
C ASP A 365 -18.33 20.42 19.20
N CYS A 366 -18.99 19.38 18.68
CA CYS A 366 -18.96 18.09 19.35
C CYS A 366 -19.38 17.00 18.37
N VAL A 367 -19.18 15.76 18.81
CA VAL A 367 -19.66 14.57 18.12
C VAL A 367 -20.73 13.93 19.01
N VAL A 368 -21.89 13.63 18.44
CA VAL A 368 -23.00 13.05 19.16
C VAL A 368 -23.14 11.60 18.73
N THR A 369 -23.00 10.68 19.68
CA THR A 369 -23.20 9.27 19.42
C THR A 369 -24.67 8.91 19.64
N ALA A 370 -25.00 7.62 19.44
CA ALA A 370 -26.39 7.19 19.51
C ALA A 370 -26.96 7.32 20.92
N ASP A 371 -26.13 7.14 21.95
CA ASP A 371 -26.59 7.25 23.32
C ASP A 371 -26.93 8.67 23.72
N GLY A 372 -26.58 9.66 22.90
CA GLY A 372 -26.91 11.05 23.14
C GLY A 372 -25.78 11.89 23.68
N VAL A 373 -24.70 11.26 24.16
CA VAL A 373 -23.58 12.02 24.71
C VAL A 373 -22.89 12.83 23.62
N GLU A 374 -22.69 14.11 23.90
CA GLU A 374 -21.98 15.02 23.01
C GLU A 374 -20.50 15.03 23.39
N HIS A 375 -19.65 14.67 22.44
CA HIS A 375 -18.20 14.60 22.66
C HIS A 375 -17.58 15.90 22.15
N LYS A 376 -17.42 16.86 23.06
CA LYS A 376 -16.90 18.17 22.68
C LYS A 376 -15.45 18.05 22.22
N LEU A 377 -15.20 18.38 20.96
CA LEU A 377 -13.88 18.27 20.35
C LEU A 377 -13.43 19.62 19.82
N ASP A 378 -12.14 19.89 19.96
CA ASP A 378 -11.50 21.04 19.31
C ASP A 378 -10.96 20.69 17.94
N MET A 379 -10.84 19.40 17.62
CA MET A 379 -10.25 18.95 16.37
C MET A 379 -10.67 17.52 16.13
N LEU A 380 -11.09 17.22 14.90
CA LEU A 380 -11.58 15.89 14.52
C LEU A 380 -10.72 15.36 13.39
N ILE A 381 -9.95 14.31 13.67
CA ILE A 381 -9.09 13.68 12.68
C ILE A 381 -9.83 12.53 12.02
N CYS A 382 -9.75 12.45 10.70
CA CYS A 382 -10.42 11.42 9.91
C CYS A 382 -9.38 10.44 9.37
N ALA A 383 -9.21 9.32 10.06
CA ALA A 383 -8.34 8.25 9.58
C ALA A 383 -9.18 7.09 9.08
N THR A 384 -10.04 7.37 8.09
CA THR A 384 -11.08 6.43 7.67
C THR A 384 -10.70 5.63 6.42
N GLY A 385 -9.48 5.78 5.93
CA GLY A 385 -9.04 5.00 4.80
C GLY A 385 -9.43 5.61 3.47
N PHE A 386 -9.33 4.79 2.43
CA PHE A 386 -9.54 5.22 1.05
C PHE A 386 -10.34 4.15 0.32
N ASP A 387 -10.47 4.32 -0.99
CA ASP A 387 -11.09 3.34 -1.86
C ASP A 387 -10.03 2.38 -2.39
N ALA A 388 -10.46 1.44 -3.24
CA ALA A 388 -9.58 0.40 -3.74
C ALA A 388 -8.73 0.92 -4.90
N VAL A 389 -7.93 0.01 -5.48
CA VAL A 389 -7.00 0.39 -6.54
C VAL A 389 -7.74 0.79 -7.80
N ASP A 390 -8.89 0.16 -8.08
CA ASP A 390 -9.65 0.46 -9.29
C ASP A 390 -10.18 1.89 -9.27
N GLY A 391 -10.39 2.45 -8.08
CA GLY A 391 -10.86 3.83 -8.00
C GLY A 391 -9.87 4.82 -8.58
N SER A 392 -8.57 4.53 -8.44
CA SER A 392 -7.54 5.38 -9.04
C SER A 392 -7.63 5.33 -10.57
N TYR A 393 -8.13 4.23 -11.12
CA TYR A 393 -8.28 4.10 -12.56
C TYR A 393 -9.66 4.56 -13.04
N LYS A 394 -10.71 4.19 -12.30
CA LYS A 394 -12.06 4.67 -12.63
C LYS A 394 -12.16 6.19 -12.55
N ARG A 395 -11.25 6.84 -11.83
CA ARG A 395 -11.25 8.29 -11.71
C ARG A 395 -10.69 8.98 -12.96
N ILE A 396 -10.01 8.25 -13.83
CA ILE A 396 -9.49 8.79 -15.08
C ILE A 396 -10.33 8.25 -16.24
N ASP A 397 -10.62 9.11 -17.20
CA ASP A 397 -11.41 8.73 -18.38
C ASP A 397 -10.48 7.98 -19.33
N ILE A 398 -10.42 6.67 -19.16
CA ILE A 398 -9.56 5.81 -19.98
C ILE A 398 -10.46 5.00 -20.90
N ARG A 399 -10.46 5.37 -22.18
CA ARG A 399 -11.24 4.68 -23.21
C ARG A 399 -10.29 4.01 -24.18
N GLY A 400 -10.43 2.68 -24.32
CA GLY A 400 -9.56 1.93 -25.20
C GLY A 400 -10.21 1.53 -26.51
N LYS A 401 -10.50 0.23 -26.65
CA LYS A 401 -11.16 -0.25 -27.86
C LYS A 401 -12.67 -0.05 -27.76
N ASP A 402 -13.28 0.23 -28.91
CA ASP A 402 -14.69 0.62 -29.02
C ASP A 402 -14.99 1.91 -28.27
N GLY A 403 -13.97 2.61 -27.78
CA GLY A 403 -14.20 3.70 -26.86
C GLY A 403 -14.72 3.25 -25.51
N ILE A 404 -14.55 1.97 -25.18
CA ILE A 404 -15.05 1.46 -23.91
C ILE A 404 -14.22 2.03 -22.78
N SER A 405 -14.90 2.65 -21.81
CA SER A 405 -14.22 3.31 -20.72
C SER A 405 -13.82 2.30 -19.65
N ILE A 406 -12.81 2.67 -18.86
CA ILE A 406 -12.28 1.80 -17.81
C ILE A 406 -13.32 1.50 -16.74
N LYS A 407 -14.35 2.34 -16.62
CA LYS A 407 -15.39 2.12 -15.62
C LYS A 407 -16.34 0.99 -16.03
N ASP A 408 -16.59 0.83 -17.33
CA ASP A 408 -17.50 -0.21 -17.79
C ASP A 408 -16.83 -1.57 -17.81
N HIS A 409 -15.59 -1.65 -18.28
CA HIS A 409 -14.90 -2.93 -18.36
C HIS A 409 -14.61 -3.50 -16.98
N TRP A 410 -14.46 -2.64 -15.96
CA TRP A 410 -14.26 -3.07 -14.59
C TRP A 410 -15.49 -2.82 -13.72
N LYS A 411 -16.66 -2.65 -14.34
CA LYS A 411 -17.87 -2.41 -13.57
C LYS A 411 -18.15 -3.54 -12.58
N ASP A 412 -17.80 -4.77 -12.95
CA ASP A 412 -17.91 -5.93 -12.06
C ASP A 412 -16.53 -6.34 -11.60
N GLY A 413 -15.90 -5.48 -10.81
CA GLY A 413 -14.61 -5.76 -10.23
C GLY A 413 -13.47 -5.62 -11.22
N PRO A 414 -12.25 -5.45 -10.70
CA PRO A 414 -11.08 -5.34 -11.58
C PRO A 414 -10.53 -6.71 -11.97
N ASN A 415 -9.78 -6.71 -13.07
CA ASN A 415 -9.11 -7.89 -13.57
C ASN A 415 -8.00 -7.45 -14.52
N SER A 416 -7.05 -8.34 -14.76
CA SER A 416 -5.90 -8.02 -15.60
C SER A 416 -5.15 -9.31 -15.91
N TYR A 417 -4.09 -9.18 -16.71
CA TYR A 417 -3.18 -10.28 -17.03
C TYR A 417 -1.83 -9.96 -16.37
N LEU A 418 -1.39 -10.87 -15.49
CA LEU A 418 -0.19 -10.68 -14.68
C LEU A 418 -0.25 -9.42 -13.82
N GLY A 419 -1.44 -8.85 -13.65
CA GLY A 419 -1.59 -7.62 -12.89
C GLY A 419 -1.03 -6.39 -13.55
N MET A 420 -0.84 -6.41 -14.87
CA MET A 420 -0.15 -5.30 -15.53
C MET A 420 -0.89 -4.80 -16.77
N MET A 421 -1.66 -5.66 -17.44
CA MET A 421 -2.33 -5.29 -18.67
C MET A 421 -3.79 -5.72 -18.63
N VAL A 422 -4.65 -4.90 -19.25
CA VAL A 422 -6.07 -5.19 -19.35
C VAL A 422 -6.41 -5.45 -20.82
N SER A 423 -7.40 -6.32 -21.04
CA SER A 423 -7.93 -6.51 -22.37
C SER A 423 -8.83 -5.35 -22.76
N ASN A 424 -8.96 -5.13 -24.06
CA ASN A 424 -9.61 -3.97 -24.68
C ASN A 424 -8.83 -2.67 -24.51
N PHE A 425 -7.72 -2.68 -23.77
CA PHE A 425 -6.90 -1.50 -23.52
C PHE A 425 -5.47 -1.81 -23.93
N PRO A 426 -5.18 -1.74 -25.22
CA PRO A 426 -3.81 -2.02 -25.68
C PRO A 426 -2.85 -0.89 -25.39
N ASN A 427 -1.55 -1.21 -25.51
CA ASN A 427 -0.44 -0.32 -25.17
C ASN A 427 -0.51 0.20 -23.74
N MET A 428 -1.24 -0.50 -22.88
CA MET A 428 -1.42 -0.11 -21.49
C MET A 428 -0.64 -1.05 -20.59
N PHE A 429 0.15 -0.49 -19.68
CA PHE A 429 0.95 -1.28 -18.76
C PHE A 429 0.83 -0.68 -17.37
N MET A 430 0.47 -1.51 -16.40
CA MET A 430 0.11 -1.06 -15.07
C MET A 430 1.24 -1.41 -14.09
N VAL A 431 1.63 -0.43 -13.28
CA VAL A 431 2.58 -0.63 -12.20
C VAL A 431 1.81 -0.65 -10.90
N PHE A 432 2.02 -1.71 -10.11
CA PHE A 432 1.27 -1.92 -8.87
C PHE A 432 -0.23 -1.95 -9.11
N GLY A 433 -0.66 -2.48 -10.26
CA GLY A 433 -2.05 -2.55 -10.60
C GLY A 433 -2.77 -3.64 -9.84
N PRO A 434 -4.04 -3.84 -10.18
CA PRO A 434 -4.83 -4.87 -9.49
C PRO A 434 -4.38 -6.27 -9.88
N ASN A 435 -4.79 -7.24 -9.05
CA ASN A 435 -4.44 -8.65 -9.25
C ASN A 435 -2.93 -8.85 -9.25
N GLY A 436 -2.23 -8.07 -8.43
CA GLY A 436 -0.81 -8.20 -8.28
C GLY A 436 -0.45 -9.07 -7.09
N PRO A 437 0.85 -9.24 -6.83
CA PRO A 437 1.26 -10.09 -5.71
C PRO A 437 1.17 -9.37 -4.37
N LEU A 438 0.94 -10.16 -3.34
CA LEU A 438 0.95 -9.67 -1.96
C LEU A 438 2.37 -9.79 -1.43
N ALA A 439 3.09 -8.67 -1.40
CA ALA A 439 4.48 -8.64 -0.98
C ALA A 439 4.87 -7.19 -0.77
N ASN A 440 6.13 -6.98 -0.38
CA ASN A 440 6.65 -5.63 -0.25
C ASN A 440 6.60 -4.91 -1.59
N SER A 441 6.12 -3.67 -1.58
CA SER A 441 5.84 -2.95 -2.84
C SER A 441 7.09 -2.62 -3.66
N PRO A 442 8.21 -2.19 -3.07
CA PRO A 442 9.38 -1.83 -3.90
C PRO A 442 9.89 -3.01 -4.71
N PRO A 443 9.99 -4.23 -4.14
CA PRO A 443 10.34 -5.37 -5.00
C PRO A 443 9.30 -5.66 -6.08
N ILE A 444 8.03 -5.43 -5.80
CA ILE A 444 7.00 -5.64 -6.83
C ILE A 444 7.13 -4.60 -7.92
N ILE A 445 7.31 -3.33 -7.55
CA ILE A 445 7.42 -2.26 -8.52
C ILE A 445 8.64 -2.45 -9.40
N GLU A 446 9.77 -2.83 -8.80
CA GLU A 446 10.97 -3.11 -9.58
C GLU A 446 10.76 -4.28 -10.54
N THR A 447 10.05 -5.31 -10.08
CA THR A 447 9.80 -6.47 -10.93
C THR A 447 8.93 -6.10 -12.13
N GLN A 448 7.89 -5.29 -11.91
CA GLN A 448 6.96 -4.97 -12.98
C GLN A 448 7.54 -3.95 -13.96
N VAL A 449 8.31 -2.98 -13.45
CA VAL A 449 8.92 -1.99 -14.34
C VAL A 449 9.97 -2.65 -15.23
N ARG A 450 10.69 -3.65 -14.71
CA ARG A 450 11.65 -4.39 -15.53
C ARG A 450 10.94 -5.22 -16.59
N TRP A 451 9.86 -5.92 -16.20
CA TRP A 451 9.14 -6.75 -17.17
C TRP A 451 8.48 -5.92 -18.25
N ILE A 452 7.88 -4.79 -17.87
CA ILE A 452 7.19 -3.94 -18.83
C ILE A 452 8.19 -3.31 -19.79
N ALA A 453 9.30 -2.79 -19.26
CA ALA A 453 10.28 -2.10 -20.09
C ALA A 453 10.91 -3.03 -21.11
N ASP A 454 11.27 -4.25 -20.69
CA ASP A 454 11.88 -5.19 -21.62
C ASP A 454 10.89 -5.66 -22.68
N LEU A 455 9.60 -5.63 -22.38
CA LEU A 455 8.60 -5.91 -23.41
C LEU A 455 8.51 -4.75 -24.40
N ILE A 456 8.66 -3.52 -23.91
CA ILE A 456 8.73 -2.37 -24.81
C ILE A 456 10.03 -2.39 -25.61
N GLY A 457 11.09 -2.97 -25.05
CA GLY A 457 12.32 -3.15 -25.82
C GLY A 457 12.15 -4.17 -26.92
N TYR A 458 11.56 -5.32 -26.59
CA TYR A 458 11.12 -6.27 -27.60
C TYR A 458 10.23 -5.58 -28.62
N ALA A 459 9.45 -4.60 -28.19
CA ALA A 459 8.58 -3.87 -29.10
C ALA A 459 9.38 -2.95 -30.03
N GLU A 460 10.35 -2.22 -29.48
CA GLU A 460 11.17 -1.34 -30.31
C GLU A 460 11.95 -2.12 -31.36
N ASP A 461 12.46 -3.30 -31.00
CA ASP A 461 13.35 -4.03 -31.90
C ASP A 461 12.59 -4.74 -33.01
N HIS A 462 11.54 -5.47 -32.66
CA HIS A 462 10.79 -6.27 -33.62
C HIS A 462 9.77 -5.45 -34.41
N GLN A 463 9.83 -4.12 -34.33
CA GLN A 463 8.99 -3.22 -35.12
C GLN A 463 7.51 -3.55 -34.97
N ILE A 464 7.01 -3.34 -33.75
CA ILE A 464 5.62 -3.58 -33.41
C ILE A 464 5.07 -2.36 -32.69
N ASN A 465 3.82 -2.00 -32.99
CA ASN A 465 3.23 -0.76 -32.53
C ASN A 465 2.00 -0.93 -31.65
N GLN A 466 1.56 -2.15 -31.37
CA GLN A 466 0.37 -2.35 -30.54
C GLN A 466 0.45 -3.70 -29.85
N ILE A 467 0.49 -3.68 -28.52
CA ILE A 467 0.46 -4.88 -27.69
C ILE A 467 -0.83 -4.85 -26.88
N GLU A 468 -1.44 -6.04 -26.72
CA GLU A 468 -2.71 -6.13 -26.02
C GLU A 468 -2.88 -7.54 -25.47
N ALA A 469 -3.36 -7.64 -24.24
CA ALA A 469 -3.65 -8.94 -23.64
C ALA A 469 -5.02 -9.44 -24.09
N THR A 470 -5.14 -10.75 -24.24
CA THR A 470 -6.41 -11.35 -24.61
C THR A 470 -7.37 -11.41 -23.43
N LYS A 471 -8.66 -11.39 -23.75
CA LYS A 471 -9.68 -11.58 -22.72
C LYS A 471 -9.55 -12.94 -22.06
N ASP A 472 -9.04 -13.93 -22.79
CA ASP A 472 -8.89 -15.27 -22.23
C ASP A 472 -7.68 -15.39 -21.31
N ALA A 473 -6.63 -14.62 -21.57
CA ALA A 473 -5.46 -14.66 -20.69
C ALA A 473 -5.76 -14.04 -19.34
N VAL A 474 -6.47 -12.90 -19.32
CA VAL A 474 -6.86 -12.29 -18.07
C VAL A 474 -7.86 -13.15 -17.32
N ASP A 475 -8.60 -14.01 -18.03
CA ASP A 475 -9.48 -14.97 -17.36
C ASP A 475 -8.66 -16.06 -16.69
N ASN A 476 -7.63 -16.57 -17.38
CA ASN A 476 -6.74 -17.54 -16.76
C ASN A 476 -6.00 -16.95 -15.57
N TRP A 477 -5.60 -15.68 -15.68
CA TRP A 477 -4.89 -15.04 -14.57
C TRP A 477 -5.80 -14.82 -13.38
N THR A 478 -7.06 -14.48 -13.62
CA THR A 478 -8.01 -14.35 -12.52
C THR A 478 -8.41 -15.71 -11.96
N ASN A 479 -8.18 -16.79 -12.71
CA ASN A 479 -8.50 -18.13 -12.21
C ASN A 479 -7.39 -18.66 -11.32
N THR A 480 -6.13 -18.44 -11.69
CA THR A 480 -5.03 -18.86 -10.82
C THR A 480 -4.93 -17.98 -9.58
N CYS A 481 -5.50 -16.77 -9.62
CA CYS A 481 -5.55 -15.95 -8.41
C CYS A 481 -6.58 -16.48 -7.43
N SER A 482 -7.77 -16.83 -7.92
CA SER A 482 -8.77 -17.47 -7.06
C SER A 482 -8.37 -18.89 -6.70
N ASP A 483 -7.55 -19.52 -7.54
CA ASP A 483 -7.04 -20.86 -7.23
C ASP A 483 -6.24 -20.84 -5.93
N ILE A 484 -5.29 -19.91 -5.83
CA ILE A 484 -4.45 -19.84 -4.63
C ILE A 484 -5.23 -19.23 -3.47
N ALA A 485 -6.07 -18.23 -3.75
CA ALA A 485 -6.75 -17.51 -2.67
C ALA A 485 -7.67 -18.42 -1.87
N ASN A 486 -8.37 -19.34 -2.55
CA ASN A 486 -9.29 -20.23 -1.86
C ASN A 486 -8.59 -21.31 -1.05
N LYS A 487 -7.25 -21.35 -1.07
CA LYS A 487 -6.51 -22.23 -0.17
C LYS A 487 -6.32 -21.58 1.19
N THR A 488 -6.58 -20.28 1.31
CA THR A 488 -6.38 -19.51 2.53
C THR A 488 -7.73 -19.10 3.12
N LEU A 489 -7.70 -18.65 4.38
CA LEU A 489 -8.88 -18.09 5.01
C LEU A 489 -9.07 -16.62 4.71
N PHE A 490 -8.30 -16.06 3.78
CA PHE A 490 -8.46 -14.66 3.41
C PHE A 490 -9.75 -14.42 2.64
N ALA A 491 -10.47 -15.48 2.27
CA ALA A 491 -11.81 -15.37 1.72
C ALA A 491 -12.87 -15.31 2.83
N LYS A 492 -12.71 -16.12 3.88
CA LYS A 492 -13.61 -16.12 5.02
C LYS A 492 -13.20 -15.12 6.09
N ALA A 493 -12.58 -14.01 5.69
CA ALA A 493 -12.16 -13.00 6.65
C ALA A 493 -12.47 -11.59 6.13
N LYS A 494 -11.58 -10.63 6.40
CA LYS A 494 -11.83 -9.26 6.03
C LYS A 494 -11.47 -8.94 4.58
N CYS A 495 -10.77 -9.84 3.90
CA CYS A 495 -10.10 -9.59 2.61
C CYS A 495 -9.45 -8.20 2.57
N VAL A 509 -10.01 -5.24 -5.88
CA VAL A 509 -10.39 -5.93 -4.66
C VAL A 509 -9.96 -7.40 -4.76
N TYR A 510 -8.89 -7.63 -5.54
CA TYR A 510 -8.36 -8.97 -5.75
C TYR A 510 -6.85 -8.93 -5.72
N LEU A 511 -6.25 -10.08 -5.44
CA LEU A 511 -4.80 -10.18 -5.32
C LEU A 511 -4.33 -11.55 -5.78
N TYR A 512 -3.05 -11.62 -6.15
CA TYR A 512 -2.36 -12.87 -6.41
C TYR A 512 -1.53 -13.23 -5.17
N MET A 513 -1.72 -14.43 -4.65
CA MET A 513 -1.15 -14.82 -3.36
C MET A 513 -0.19 -16.00 -3.49
N GLY A 514 0.54 -16.07 -4.60
CA GLY A 514 1.55 -17.10 -4.76
C GLY A 514 2.92 -16.72 -4.28
N GLY A 515 3.13 -15.46 -3.90
CA GLY A 515 4.42 -14.99 -3.45
C GLY A 515 5.17 -14.26 -4.56
N LEU A 516 6.21 -13.53 -4.13
CA LEU A 516 7.02 -12.79 -5.09
C LEU A 516 7.81 -13.71 -6.01
N LYS A 517 8.36 -14.80 -5.45
CA LYS A 517 9.14 -15.73 -6.26
C LYS A 517 8.29 -16.39 -7.33
N GLU A 518 7.11 -16.91 -6.94
CA GLU A 518 6.22 -17.52 -7.91
C GLU A 518 5.70 -16.50 -8.91
N TYR A 519 5.50 -15.24 -8.47
CA TYR A 519 5.09 -14.20 -9.39
C TYR A 519 6.20 -13.87 -10.39
N ARG A 520 7.45 -13.85 -9.92
CA ARG A 520 8.57 -13.61 -10.81
C ARG A 520 8.71 -14.72 -11.84
N ASN A 521 8.39 -15.95 -11.45
CA ASN A 521 8.46 -17.08 -12.39
C ASN A 521 7.30 -17.03 -13.38
N GLN A 522 6.10 -16.67 -12.90
CA GLN A 522 4.92 -16.69 -13.77
C GLN A 522 5.06 -15.70 -14.92
N ILE A 523 5.52 -14.48 -14.63
CA ILE A 523 5.72 -13.50 -15.69
C ILE A 523 6.94 -13.82 -16.53
N SER A 524 7.89 -14.60 -15.99
CA SER A 524 8.99 -15.08 -16.80
C SER A 524 8.53 -16.18 -17.74
N GLU A 525 7.59 -17.02 -17.30
CA GLU A 525 6.98 -18.01 -18.18
C GLU A 525 6.27 -17.34 -19.35
N VAL A 526 5.83 -16.09 -19.17
CA VAL A 526 5.20 -15.36 -20.26
C VAL A 526 6.25 -14.72 -21.16
N SER A 527 7.20 -14.00 -20.57
CA SER A 527 8.22 -13.32 -21.35
C SER A 527 9.20 -14.27 -22.03
N ASN A 528 9.17 -15.56 -21.71
CA ASN A 528 10.00 -16.54 -22.40
C ASN A 528 9.26 -17.20 -23.55
N ASN A 529 7.98 -17.50 -23.37
CA ASN A 529 7.15 -18.11 -24.41
C ASN A 529 6.64 -17.10 -25.43
N ASN A 530 7.46 -16.11 -25.79
CA ASN A 530 7.11 -15.08 -26.77
C ASN A 530 5.83 -14.36 -26.39
N TYR A 531 5.66 -14.11 -25.09
CA TYR A 531 4.53 -13.35 -24.55
C TYR A 531 3.20 -14.02 -24.90
N LYS A 532 3.07 -15.26 -24.43
CA LYS A 532 1.82 -16.01 -24.59
C LYS A 532 0.68 -15.28 -23.89
N GLY A 533 -0.45 -15.19 -24.57
CA GLY A 533 -1.59 -14.46 -24.04
C GLY A 533 -1.62 -12.99 -24.39
N CYS A 534 -0.72 -12.52 -25.25
CA CYS A 534 -0.68 -11.13 -25.68
C CYS A 534 -0.81 -11.08 -27.20
N LEU A 535 -1.62 -10.13 -27.67
CA LEU A 535 -1.76 -9.89 -29.10
C LEU A 535 -0.66 -8.94 -29.56
N LEU A 536 -0.03 -9.28 -30.68
CA LEU A 536 1.14 -8.58 -31.18
C LEU A 536 0.89 -8.16 -32.62
N LYS A 537 0.64 -6.87 -32.84
CA LYS A 537 0.29 -6.33 -34.15
C LYS A 537 1.49 -5.61 -34.76
N GLN A 538 1.67 -5.80 -36.07
CA GLN A 538 2.79 -5.25 -36.80
C GLN A 538 2.33 -4.18 -37.80
N SER A 539 3.27 -3.33 -38.18
CA SER A 539 3.00 -2.28 -39.16
C SER A 539 4.30 -1.85 -39.85
PA FAD B . 1.83 6.23 -5.24
O1A FAD B . 3.01 6.75 -4.47
O2A FAD B . 0.44 6.35 -4.64
O5B FAD B . 1.78 6.93 -6.69
C5B FAD B . 0.58 7.57 -7.13
C4B FAD B . 0.87 8.95 -7.72
O4B FAD B . 0.19 9.10 -8.97
C3B FAD B . 0.36 10.05 -6.80
O3B FAD B . 1.42 10.96 -6.50
C2B FAD B . -0.72 10.77 -7.58
O2B FAD B . -0.61 12.18 -7.40
C1B FAD B . -0.43 10.39 -9.02
N9A FAD B . -1.68 10.38 -9.81
C8A FAD B . -2.69 9.50 -9.70
N7A FAD B . -3.68 9.78 -10.57
C5A FAD B . -3.32 10.87 -11.28
C6A FAD B . -3.90 11.70 -12.36
N6A FAD B . -5.11 11.41 -12.89
N1A FAD B . -3.18 12.75 -12.81
C2A FAD B . -1.97 13.06 -12.29
N3A FAD B . -1.38 12.34 -11.30
C4A FAD B . -1.99 11.26 -10.77
N1 FAD B . 3.68 -0.61 0.90
C2 FAD B . 4.55 -1.62 1.19
O2 FAD B . 4.67 -2.56 0.38
N3 FAD B . 5.28 -1.65 2.30
C4 FAD B . 5.20 -0.70 3.23
O4 FAD B . 5.90 -0.76 4.27
C4X FAD B . 4.28 0.45 3.00
N5 FAD B . 4.15 1.44 3.90
C5X FAD B . 3.31 2.48 3.67
C6 FAD B . 3.21 3.49 4.61
C7 FAD B . 2.35 4.57 4.41
C7M FAD B . 2.25 5.66 5.43
C8 FAD B . 1.53 4.62 3.17
C8M FAD B . 0.59 5.77 2.93
C9 FAD B . 1.62 3.60 2.23
C9A FAD B . 2.48 2.53 2.42
N10 FAD B . 2.60 1.48 1.47
C10 FAD B . 3.49 0.43 1.75
C1' FAD B . 1.82 1.48 0.22
C2' FAD B . 2.36 2.51 -0.76
O2' FAD B . 1.27 3.03 -1.54
C3' FAD B . 3.44 1.95 -1.68
O3' FAD B . 4.72 2.48 -1.28
C4' FAD B . 3.19 2.30 -3.15
O4' FAD B . 3.88 1.37 -3.98
C5' FAD B . 3.64 3.71 -3.49
O5' FAD B . 4.28 3.67 -4.76
P FAD B . 3.51 4.14 -6.10
O1P FAD B . 4.27 5.29 -6.70
O2P FAD B . 3.23 2.93 -6.95
O3P FAD B . 2.10 4.68 -5.56
PA NAD C . -8.03 1.18 6.51
O1A NAD C . -8.20 1.57 5.07
O2A NAD C . -7.33 -0.10 6.89
O5B NAD C . -9.48 1.16 7.22
C5B NAD C . -10.06 2.41 7.58
C4B NAD C . -10.34 2.36 9.07
O4B NAD C . -11.29 3.37 9.42
C3B NAD C . -10.92 1.02 9.46
O3B NAD C . -10.17 0.45 10.53
C2B NAD C . -12.34 1.31 9.92
O2B NAD C . -12.60 0.63 11.15
C1B NAD C . -12.39 2.81 10.12
N9A NAD C . -13.65 3.35 9.56
C8A NAD C . -13.98 3.40 8.25
N7A NAD C . -15.20 3.96 8.08
C5A NAD C . -15.67 4.29 9.29
C6A NAD C . -16.91 4.90 9.82
N6A NAD C . -17.90 5.30 8.99
N1A NAD C . -17.02 5.06 11.17
C2A NAD C . -16.03 4.67 12.00
N3A NAD C . -14.89 4.09 11.59
C4A NAD C . -14.65 3.88 10.27
O3 NAD C . -7.36 2.38 7.34
PN NAD C . -5.95 3.01 6.87
O1N NAD C . -4.97 2.76 7.99
O2N NAD C . -6.18 4.41 6.36
O5D NAD C . -5.56 2.05 5.64
C5D NAD C . -5.00 2.59 4.45
C4D NAD C . -4.28 1.47 3.71
O4D NAD C . -2.92 1.87 3.52
C3D NAD C . -4.27 0.20 4.55
O3D NAD C . -4.87 -0.88 3.80
C2D NAD C . -2.82 -0.11 4.84
O2D NAD C . -2.48 -1.42 4.35
C1D NAD C . -2.00 0.94 4.11
N1N NAD C . -1.16 1.66 5.07
C2N NAD C . -0.04 1.08 5.52
C3N NAD C . 0.76 1.74 6.45
C7N NAD C . 2.01 1.07 6.93
O7N NAD C . 2.21 0.96 8.13
N7N NAD C . 2.87 0.61 6.02
C4N NAD C . 0.42 3.01 6.88
C5N NAD C . -0.75 3.59 6.40
C6N NAD C . -1.53 2.88 5.49
#